data_3MBW
#
_entry.id   3MBW
#
_cell.length_a   58.265
_cell.length_b   215.787
_cell.length_c   107.263
_cell.angle_alpha   90.00
_cell.angle_beta   90.00
_cell.angle_gamma   90.00
#
_symmetry.space_group_name_H-M   'C 2 2 21'
#
loop_
_entity.id
_entity.type
_entity.pdbx_description
1 polymer 'Ephrin type-A receptor 2'
2 polymer Ephrin-A1
3 branched alpha-D-mannopyranose-(1-3)-beta-D-mannopyranose-(1-4)-2-acetamido-2-deoxy-beta-D-glucopyranose-(1-4)-2-acetamido-2-deoxy-beta-D-glucopyranose
4 non-polymer 'UNKNOWN ATOM OR ION'
5 water water
#
loop_
_entity_poly.entity_id
_entity_poly.type
_entity_poly.pdbx_seq_one_letter_code
_entity_poly.pdbx_strand_id
1 'polypeptide(L)'
;APEHHHHHHDYDIPTTENLYFQGAMDAAQGKEVVLLDFAAAGGELGWLTHPYGKGWDLMQNIMNDMPIYMYSVCNVMSGD
QDNWLRTNWVYRGEAERIFIELKFTVRDCNSFPGGASSCKETFNLYYAESDLDYGTNFQKRLFTKIDTIAPDEITVSSDF
EARHVKLNVEERSVGPLTRKGFYLAFQDIGACVALLSVRVYYKKCPELLQGLAHFPETIAGSDAPSLATVAGTCVDHAVV
PPGGEEPRMHCAVDGEWLVPIGQCLCQAGYEKVEDACQACSPGFFKFEASESPCLECPEHTLPSPEGATSCECEEGFFRA
PQDPASMPCT
;
A
2 'polypeptide(L)'
;APEHHHHHHDYDIPTTENLYFQGAMDAADRHTVFWNSSNPKFRNEDYTIHVQLNDYVDIICPHYEDHSVADAAMEQYILY
LVEHEEYQLCQPQSKDQVRWQCNRPSAKHGPEKLSEKFQRFTPFTLGKEFKEGHSYYYISKPIHQHEDRCLRLKVTVSGK
ITHSPQAHVNPQEKRLAADDP
;
B
#
loop_
_chem_comp.id
_chem_comp.type
_chem_comp.name
_chem_comp.formula
BMA D-saccharide, beta linking beta-D-mannopyranose 'C6 H12 O6'
MAN D-saccharide, alpha linking alpha-D-mannopyranose 'C6 H12 O6'
NAG D-saccharide, beta linking 2-acetamido-2-deoxy-beta-D-glucopyranose 'C8 H15 N O6'
UNX non-polymer 'UNKNOWN ATOM OR ION' ?
#
# COMPACT_ATOMS: atom_id res chain seq x y z
N GLN A 29 9.96 -14.43 -7.32
CA GLN A 29 9.53 -13.22 -8.02
C GLN A 29 10.70 -12.25 -8.31
N GLY A 30 10.41 -11.23 -9.14
CA GLY A 30 11.36 -10.18 -9.50
C GLY A 30 11.06 -8.90 -8.77
N LYS A 31 11.19 -7.75 -9.49
CA LYS A 31 10.98 -6.41 -8.96
C LYS A 31 9.59 -5.89 -9.24
N GLU A 32 8.93 -5.33 -8.22
CA GLU A 32 7.60 -4.76 -8.33
C GLU A 32 7.71 -3.24 -8.39
N VAL A 33 6.93 -2.60 -9.28
CA VAL A 33 6.92 -1.16 -9.43
C VAL A 33 5.51 -0.72 -9.07
N VAL A 34 5.40 -0.03 -7.93
CA VAL A 34 4.15 0.38 -7.31
C VAL A 34 3.62 1.65 -7.89
N LEU A 35 2.41 1.57 -8.45
CA LEU A 35 1.67 2.65 -9.12
C LEU A 35 0.64 3.32 -8.21
N LEU A 36 0.15 2.58 -7.19
CA LEU A 36 -0.85 3.07 -6.22
C LEU A 36 -0.73 2.25 -4.96
N ASP A 37 -0.84 2.90 -3.80
CA ASP A 37 -0.78 2.30 -2.49
C ASP A 37 -1.55 3.19 -1.51
N PHE A 38 -2.81 2.82 -1.29
CA PHE A 38 -3.74 3.50 -0.42
C PHE A 38 -3.25 3.62 1.03
N ALA A 39 -2.82 2.50 1.64
CA ALA A 39 -2.35 2.48 3.02
C ALA A 39 -1.06 3.27 3.25
N ALA A 40 -0.32 3.62 2.20
CA ALA A 40 0.91 4.41 2.30
C ALA A 40 0.64 5.91 2.27
N ALA A 41 -0.54 6.30 1.75
CA ALA A 41 -0.95 7.71 1.59
C ALA A 41 -1.26 8.48 2.87
N GLY A 42 -1.29 7.79 4.01
CA GLY A 42 -1.57 8.37 5.32
C GLY A 42 -2.86 9.17 5.43
N GLY A 43 -3.91 8.71 4.75
CA GLY A 43 -5.23 9.35 4.77
C GLY A 43 -5.38 10.54 3.84
N GLU A 44 -4.23 11.14 3.43
CA GLU A 44 -4.08 12.27 2.51
C GLU A 44 -4.69 12.05 1.10
N LEU A 45 -4.93 10.80 0.71
CA LEU A 45 -5.47 10.43 -0.62
C LEU A 45 -7.00 10.29 -0.60
N GLY A 46 -7.66 11.11 -1.42
CA GLY A 46 -9.12 11.16 -1.47
C GLY A 46 -9.65 10.63 -2.77
N TRP A 47 -10.54 9.62 -2.67
CA TRP A 47 -11.17 8.95 -3.79
C TRP A 47 -12.63 9.39 -3.94
N LEU A 48 -13.05 9.66 -5.20
CA LEU A 48 -14.41 10.10 -5.51
C LEU A 48 -15.40 9.00 -5.15
N THR A 49 -16.59 9.40 -4.68
CA THR A 49 -17.71 8.52 -4.32
C THR A 49 -18.91 8.98 -5.12
N HIS A 50 -19.67 8.02 -5.66
CA HIS A 50 -20.85 8.31 -6.45
C HIS A 50 -22.04 7.43 -6.06
N PRO A 51 -23.24 8.00 -5.77
CA PRO A 51 -23.59 9.44 -5.72
C PRO A 51 -22.76 10.21 -4.70
N TYR A 52 -22.43 11.49 -5.00
CA TYR A 52 -21.60 12.37 -4.14
C TYR A 52 -22.00 12.35 -2.67
N GLY A 53 -21.01 12.13 -1.80
CA GLY A 53 -21.20 12.07 -0.35
C GLY A 53 -21.62 10.69 0.13
N LYS A 54 -22.87 10.29 -0.22
CA LYS A 54 -23.50 9.00 0.06
C LYS A 54 -22.62 7.80 -0.40
N GLY A 55 -22.79 6.67 0.30
CA GLY A 55 -22.03 5.45 0.03
C GLY A 55 -20.83 5.21 0.91
N TRP A 56 -19.65 5.01 0.28
CA TRP A 56 -18.41 4.76 1.01
C TRP A 56 -17.97 5.98 1.84
N ASP A 57 -17.26 5.75 2.95
CA ASP A 57 -16.78 6.80 3.84
C ASP A 57 -15.39 6.47 4.41
N LEU A 58 -14.53 7.50 4.59
CA LEU A 58 -13.19 7.30 5.14
C LEU A 58 -13.26 7.17 6.66
N MET A 59 -12.66 6.11 7.23
CA MET A 59 -12.67 5.87 8.68
C MET A 59 -11.25 5.94 9.23
N GLN A 60 -11.11 6.19 10.55
CA GLN A 60 -9.80 6.34 11.17
C GLN A 60 -9.61 5.52 12.42
N ASN A 61 -9.38 4.23 12.30
CA ASN A 61 -9.17 3.45 13.49
C ASN A 61 -7.66 3.26 13.78
N ILE A 62 -7.34 2.61 14.92
CA ILE A 62 -5.96 2.31 15.30
C ILE A 62 -5.79 0.79 15.25
N MET A 63 -4.73 0.33 14.56
CA MET A 63 -4.41 -1.09 14.44
C MET A 63 -2.94 -1.29 14.74
N ASN A 64 -2.60 -2.24 15.65
CA ASN A 64 -1.23 -2.56 16.08
C ASN A 64 -0.47 -1.28 16.49
N ASP A 65 -1.14 -0.43 17.30
CA ASP A 65 -0.67 0.89 17.79
C ASP A 65 -0.26 1.87 16.67
N MET A 66 -0.83 1.65 15.45
CA MET A 66 -0.57 2.48 14.29
C MET A 66 -1.87 3.12 13.77
N PRO A 67 -1.83 4.43 13.42
CA PRO A 67 -3.02 5.07 12.84
C PRO A 67 -3.26 4.53 11.42
N ILE A 68 -4.51 4.15 11.13
CA ILE A 68 -4.88 3.60 9.84
C ILE A 68 -6.17 4.24 9.33
N TYR A 69 -6.36 4.20 8.02
CA TYR A 69 -7.56 4.71 7.37
C TYR A 69 -8.19 3.59 6.55
N MET A 70 -9.46 3.75 6.19
CA MET A 70 -10.17 2.75 5.38
C MET A 70 -11.41 3.33 4.76
N TYR A 71 -11.86 2.70 3.67
CA TYR A 71 -13.11 3.06 3.02
C TYR A 71 -14.16 2.02 3.40
N SER A 72 -15.26 2.49 4.03
CA SER A 72 -16.36 1.66 4.50
C SER A 72 -17.72 2.04 3.92
N VAL A 73 -18.60 1.02 3.80
CA VAL A 73 -19.99 1.16 3.36
C VAL A 73 -20.74 0.07 4.08
N CYS A 74 -21.95 0.38 4.57
CA CYS A 74 -22.78 -0.58 5.32
C CYS A 74 -24.30 -0.25 5.19
N ASN A 75 -24.76 0.11 3.97
CA ASN A 75 -26.16 0.44 3.68
C ASN A 75 -26.92 -0.84 3.35
N VAL A 76 -26.96 -1.76 4.33
CA VAL A 76 -27.52 -3.10 4.32
C VAL A 76 -29.09 -3.19 4.43
N MET A 77 -29.72 -2.14 4.97
CA MET A 77 -31.17 -2.10 5.18
C MET A 77 -31.90 -0.98 4.41
N SER A 78 -31.23 -0.35 3.43
CA SER A 78 -31.84 0.73 2.66
C SER A 78 -32.46 0.19 1.36
N GLY A 79 -31.65 -0.41 0.50
CA GLY A 79 -32.11 -0.94 -0.76
C GLY A 79 -31.76 -0.06 -1.93
N ASP A 80 -31.79 -0.64 -3.16
CA ASP A 80 -31.46 0.03 -4.41
C ASP A 80 -30.09 0.72 -4.31
N GLN A 81 -29.10 -0.04 -3.77
CA GLN A 81 -27.75 0.46 -3.54
C GLN A 81 -26.83 0.24 -4.71
N ASP A 82 -26.17 1.30 -5.12
CA ASP A 82 -25.23 1.28 -6.23
C ASP A 82 -24.20 2.35 -5.88
N ASN A 83 -23.34 2.01 -4.89
CA ASN A 83 -22.29 2.89 -4.35
C ASN A 83 -20.91 2.59 -4.88
N TRP A 84 -20.43 3.50 -5.73
CA TRP A 84 -19.13 3.49 -6.40
C TRP A 84 -18.04 4.24 -5.62
N LEU A 85 -16.88 3.59 -5.43
CA LEU A 85 -15.67 4.16 -4.83
C LEU A 85 -14.66 4.07 -5.94
N ARG A 86 -14.26 5.21 -6.49
CA ARG A 86 -13.33 5.18 -7.62
C ARG A 86 -12.01 5.75 -7.19
N THR A 87 -10.93 4.98 -7.40
CA THR A 87 -9.60 5.48 -7.05
C THR A 87 -9.28 6.65 -7.98
N ASN A 88 -8.17 7.37 -7.69
N ASN A 88 -8.14 7.32 -7.69
CA ASN A 88 -7.77 8.46 -8.56
CA ASN A 88 -7.58 8.41 -8.48
C ASN A 88 -7.19 7.87 -9.85
C ASN A 88 -7.13 7.84 -9.84
N TRP A 89 -6.88 8.73 -10.82
CA TRP A 89 -6.35 8.35 -12.12
C TRP A 89 -4.92 7.91 -11.87
N VAL A 90 -4.57 6.71 -12.40
CA VAL A 90 -3.23 6.12 -12.23
C VAL A 90 -2.52 6.10 -13.55
N TYR A 91 -1.35 6.75 -13.61
CA TYR A 91 -0.48 6.79 -14.77
C TYR A 91 0.05 5.36 -14.96
N ARG A 92 -0.26 4.77 -16.11
CA ARG A 92 0.13 3.41 -16.43
C ARG A 92 1.64 3.31 -16.57
N GLY A 93 2.25 4.32 -17.19
CA GLY A 93 3.67 4.30 -17.50
C GLY A 93 3.93 3.26 -18.55
N GLU A 94 4.91 2.39 -18.30
CA GLU A 94 5.34 1.31 -19.20
C GLU A 94 4.62 -0.04 -18.91
N ALA A 95 3.87 -0.12 -17.79
CA ALA A 95 3.11 -1.28 -17.34
C ALA A 95 2.21 -1.86 -18.40
N GLU A 96 2.27 -3.19 -18.56
CA GLU A 96 1.51 -4.03 -19.49
C GLU A 96 0.47 -4.85 -18.68
N ARG A 97 0.90 -5.48 -17.58
CA ARG A 97 0.00 -6.18 -16.68
C ARG A 97 0.11 -5.58 -15.29
N ILE A 98 -1.01 -5.01 -14.75
CA ILE A 98 -1.07 -4.50 -13.38
C ILE A 98 -1.57 -5.59 -12.43
N PHE A 99 -1.07 -5.56 -11.18
CA PHE A 99 -1.50 -6.46 -10.12
C PHE A 99 -2.20 -5.65 -9.03
N ILE A 100 -3.40 -6.08 -8.63
CA ILE A 100 -4.25 -5.37 -7.66
C ILE A 100 -4.41 -6.17 -6.38
N GLU A 101 -3.78 -5.65 -5.32
CA GLU A 101 -3.81 -6.29 -3.99
C GLU A 101 -4.74 -5.53 -3.07
N LEU A 102 -5.90 -6.19 -2.76
CA LEU A 102 -6.97 -5.69 -1.88
C LEU A 102 -6.98 -6.35 -0.53
N LYS A 103 -7.06 -5.56 0.53
CA LYS A 103 -7.18 -6.06 1.92
C LYS A 103 -8.45 -5.45 2.49
N PHE A 104 -9.49 -6.27 2.70
CA PHE A 104 -10.80 -5.78 3.12
C PHE A 104 -11.47 -6.72 4.13
N THR A 105 -12.56 -6.26 4.78
CA THR A 105 -13.34 -7.08 5.70
C THR A 105 -14.79 -6.97 5.23
N VAL A 106 -15.55 -8.08 5.32
CA VAL A 106 -16.97 -8.12 4.92
C VAL A 106 -17.79 -8.79 6.02
N ARG A 107 -18.90 -8.14 6.42
CA ARG A 107 -19.80 -8.60 7.49
C ARG A 107 -20.99 -9.38 6.96
N ASP A 108 -21.27 -10.53 7.57
CA ASP A 108 -22.37 -11.45 7.23
C ASP A 108 -23.70 -10.75 7.38
N CYS A 109 -24.66 -11.02 6.48
CA CYS A 109 -25.98 -10.39 6.58
C CYS A 109 -26.87 -10.87 7.77
N ASN A 110 -26.49 -12.00 8.42
CA ASN A 110 -27.16 -12.56 9.60
C ASN A 110 -26.56 -12.01 10.89
N SER A 111 -25.52 -11.16 10.76
CA SER A 111 -24.85 -10.49 11.88
C SER A 111 -25.69 -9.28 12.33
N PHE A 112 -26.64 -8.84 11.49
CA PHE A 112 -27.56 -7.77 11.79
C PHE A 112 -28.72 -8.42 12.54
N PRO A 113 -28.91 -8.14 13.85
CA PRO A 113 -30.00 -8.80 14.59
C PRO A 113 -31.40 -8.35 14.16
N GLY A 114 -31.45 -7.24 13.41
CA GLY A 114 -32.67 -6.65 12.87
C GLY A 114 -33.19 -7.33 11.62
N GLY A 115 -32.29 -7.85 10.80
CA GLY A 115 -32.64 -8.52 9.55
C GLY A 115 -32.59 -7.58 8.37
N ALA A 116 -31.61 -7.79 7.49
CA ALA A 116 -31.39 -6.99 6.27
C ALA A 116 -31.80 -7.79 5.02
N SER A 117 -32.92 -7.38 4.39
CA SER A 117 -33.51 -8.01 3.19
C SER A 117 -32.71 -7.72 1.93
N SER A 118 -32.35 -6.43 1.70
CA SER A 118 -31.57 -5.98 0.53
C SER A 118 -30.06 -6.18 0.73
N CYS A 119 -29.68 -7.10 1.65
CA CYS A 119 -28.29 -7.35 1.99
C CYS A 119 -27.52 -8.24 1.02
N LYS A 120 -26.25 -7.91 0.85
CA LYS A 120 -25.30 -8.59 -0.02
C LYS A 120 -24.02 -8.84 0.77
N GLU A 121 -23.22 -9.82 0.36
CA GLU A 121 -21.93 -10.09 1.00
C GLU A 121 -20.75 -9.90 0.00
N THR A 122 -21.01 -9.21 -1.12
CA THR A 122 -20.02 -8.96 -2.15
C THR A 122 -20.04 -7.52 -2.64
N PHE A 123 -18.99 -7.17 -3.39
CA PHE A 123 -18.78 -5.92 -4.09
C PHE A 123 -18.08 -6.31 -5.39
N ASN A 124 -18.23 -5.46 -6.41
CA ASN A 124 -17.66 -5.71 -7.73
C ASN A 124 -16.47 -4.80 -8.01
N LEU A 125 -15.37 -5.40 -8.46
CA LEU A 125 -14.14 -4.71 -8.79
C LEU A 125 -14.15 -4.39 -10.29
N TYR A 126 -14.05 -3.10 -10.61
CA TYR A 126 -14.04 -2.55 -11.97
C TYR A 126 -12.71 -1.84 -12.27
N TYR A 127 -12.46 -1.55 -13.55
CA TYR A 127 -11.32 -0.77 -14.01
C TYR A 127 -11.74 -0.05 -15.25
N ALA A 128 -11.03 1.03 -15.59
CA ALA A 128 -11.27 1.79 -16.81
C ALA A 128 -9.99 2.44 -17.26
N GLU A 129 -9.71 2.39 -18.55
CA GLU A 129 -8.54 3.00 -19.16
C GLU A 129 -8.92 4.33 -19.81
N SER A 130 -8.03 5.32 -19.71
CA SER A 130 -8.24 6.64 -20.33
C SER A 130 -6.94 7.32 -20.55
N ASP A 131 -6.89 8.22 -21.53
CA ASP A 131 -5.67 8.98 -21.81
C ASP A 131 -5.68 10.33 -21.08
N LEU A 132 -6.85 10.65 -20.48
CA LEU A 132 -7.17 11.90 -19.78
C LEU A 132 -7.79 11.56 -18.41
N ASP A 133 -7.55 12.42 -17.43
CA ASP A 133 -8.14 12.31 -16.10
C ASP A 133 -9.45 13.12 -16.19
N TYR A 134 -10.58 12.49 -15.90
CA TYR A 134 -11.89 13.16 -15.98
C TYR A 134 -12.26 13.82 -14.67
N GLY A 135 -11.42 13.63 -13.67
CA GLY A 135 -11.62 14.17 -12.33
C GLY A 135 -12.94 13.78 -11.73
N THR A 136 -13.80 14.77 -11.49
CA THR A 136 -15.12 14.56 -10.92
C THR A 136 -16.15 13.92 -11.88
N ASN A 137 -15.93 14.03 -13.21
CA ASN A 137 -16.80 13.51 -14.26
C ASN A 137 -16.73 11.97 -14.37
N PHE A 138 -17.29 11.26 -13.37
CA PHE A 138 -17.31 9.80 -13.31
C PHE A 138 -18.53 9.23 -14.07
N GLN A 139 -18.27 8.25 -14.98
CA GLN A 139 -19.30 7.57 -15.79
C GLN A 139 -19.10 6.05 -15.69
N LYS A 140 -19.98 5.38 -14.94
CA LYS A 140 -20.00 3.92 -14.73
C LYS A 140 -19.89 3.11 -16.07
N ARG A 141 -20.60 3.60 -17.12
CA ARG A 141 -20.69 3.00 -18.47
C ARG A 141 -19.29 2.74 -19.10
N LEU A 142 -18.25 3.42 -18.59
CA LEU A 142 -16.87 3.33 -19.07
C LEU A 142 -16.02 2.26 -18.33
N PHE A 143 -16.56 1.71 -17.22
CA PHE A 143 -15.92 0.72 -16.36
C PHE A 143 -16.27 -0.72 -16.72
N THR A 144 -15.22 -1.57 -16.82
CA THR A 144 -15.25 -3.01 -17.13
C THR A 144 -15.11 -3.81 -15.84
N LYS A 145 -15.98 -4.80 -15.63
CA LYS A 145 -15.94 -5.64 -14.44
C LYS A 145 -14.76 -6.59 -14.38
N ILE A 146 -13.86 -6.40 -13.38
CA ILE A 146 -12.73 -7.32 -13.22
C ILE A 146 -13.25 -8.59 -12.58
N ASP A 147 -13.97 -8.49 -11.43
CA ASP A 147 -14.48 -9.67 -10.73
C ASP A 147 -15.54 -9.32 -9.67
N THR A 148 -16.19 -10.37 -9.10
CA THR A 148 -17.08 -10.23 -7.95
C THR A 148 -16.22 -10.70 -6.79
N ILE A 149 -15.78 -9.75 -5.98
CA ILE A 149 -14.90 -10.05 -4.84
C ILE A 149 -15.74 -10.50 -3.66
N ALA A 150 -15.42 -11.68 -3.14
CA ALA A 150 -16.11 -12.26 -1.98
C ALA A 150 -15.15 -12.47 -0.80
N PRO A 151 -15.60 -12.28 0.45
CA PRO A 151 -14.70 -12.54 1.58
C PRO A 151 -14.39 -14.04 1.71
N ASP A 152 -13.16 -14.38 2.15
CA ASP A 152 -12.78 -15.77 2.42
C ASP A 152 -13.12 -16.01 3.90
N GLU A 153 -13.11 -14.93 4.71
CA GLU A 153 -13.48 -14.85 6.13
C GLU A 153 -14.60 -13.81 6.24
N ILE A 154 -15.80 -14.26 6.62
CA ILE A 154 -16.99 -13.42 6.76
C ILE A 154 -17.13 -13.04 8.23
N THR A 155 -17.38 -11.75 8.50
CA THR A 155 -17.54 -11.17 9.83
C THR A 155 -18.88 -11.58 10.39
N VAL A 156 -18.85 -12.35 11.46
CA VAL A 156 -20.01 -12.83 12.19
C VAL A 156 -20.20 -11.88 13.41
N SER A 157 -21.36 -11.93 14.09
CA SER A 157 -21.71 -11.06 15.22
C SER A 157 -20.77 -11.10 16.45
N SER A 158 -20.27 -12.31 16.79
CA SER A 158 -19.38 -12.58 17.92
C SER A 158 -17.97 -11.97 17.79
N ASP A 159 -17.58 -11.58 16.55
CA ASP A 159 -16.27 -11.01 16.22
C ASP A 159 -16.00 -9.61 16.78
N PHE A 160 -17.04 -8.77 16.93
CA PHE A 160 -16.91 -7.39 17.44
C PHE A 160 -16.45 -7.37 18.89
N GLU A 161 -17.15 -8.11 19.77
CA GLU A 161 -16.84 -8.24 21.20
C GLU A 161 -15.50 -8.95 21.42
N ALA A 162 -15.14 -9.87 20.49
CA ALA A 162 -13.90 -10.62 20.51
C ALA A 162 -12.74 -9.80 19.95
N ARG A 163 -13.03 -8.63 19.35
CA ARG A 163 -12.05 -7.71 18.75
C ARG A 163 -11.12 -8.41 17.73
N HIS A 164 -11.68 -9.43 17.06
CA HIS A 164 -11.05 -10.26 16.05
C HIS A 164 -11.22 -9.56 14.71
N VAL A 165 -10.12 -9.23 14.01
CA VAL A 165 -10.23 -8.64 12.67
C VAL A 165 -10.03 -9.72 11.65
N LYS A 166 -11.09 -10.02 10.88
CA LYS A 166 -11.03 -11.00 9.79
C LYS A 166 -10.60 -10.31 8.50
N LEU A 167 -9.28 -10.05 8.33
CA LEU A 167 -8.77 -9.33 7.14
C LEU A 167 -8.48 -10.17 5.90
N ASN A 168 -9.41 -10.08 4.94
CA ASN A 168 -9.42 -10.78 3.64
C ASN A 168 -8.45 -10.17 2.62
N VAL A 169 -7.69 -11.06 1.92
CA VAL A 169 -6.72 -10.70 0.88
C VAL A 169 -7.16 -11.28 -0.46
N GLU A 170 -7.34 -10.40 -1.44
CA GLU A 170 -7.72 -10.85 -2.78
C GLU A 170 -6.84 -10.20 -3.83
N GLU A 171 -6.08 -11.01 -4.58
CA GLU A 171 -5.29 -10.48 -5.68
C GLU A 171 -5.95 -10.77 -7.01
N ARG A 172 -6.13 -9.71 -7.81
CA ARG A 172 -6.66 -9.76 -9.16
C ARG A 172 -5.62 -9.10 -10.05
N SER A 173 -5.76 -9.24 -11.36
CA SER A 173 -4.76 -8.76 -12.33
C SER A 173 -5.43 -8.50 -13.67
N VAL A 174 -4.99 -7.44 -14.35
CA VAL A 174 -5.54 -7.01 -15.64
C VAL A 174 -4.40 -6.76 -16.64
N GLY A 175 -4.57 -7.27 -17.86
CA GLY A 175 -3.61 -7.08 -18.93
C GLY A 175 -4.10 -7.50 -20.30
N PRO A 176 -3.60 -6.90 -21.39
CA PRO A 176 -2.62 -5.80 -21.45
C PRO A 176 -3.25 -4.43 -21.36
N LEU A 177 -2.57 -3.52 -20.66
CA LEU A 177 -2.99 -2.13 -20.51
C LEU A 177 -2.27 -1.37 -21.58
N THR A 178 -2.95 -0.38 -22.17
CA THR A 178 -2.45 0.35 -23.35
C THR A 178 -2.61 1.87 -23.31
N ARG A 179 -3.68 2.39 -22.68
CA ARG A 179 -3.93 3.83 -22.62
C ARG A 179 -2.99 4.53 -21.64
N LYS A 180 -2.97 5.87 -21.60
CA LYS A 180 -2.07 6.66 -20.73
C LYS A 180 -2.21 6.30 -19.23
N GLY A 181 -3.42 5.92 -18.82
CA GLY A 181 -3.69 5.55 -17.43
C GLY A 181 -5.05 4.92 -17.20
N PHE A 182 -5.29 4.55 -15.95
CA PHE A 182 -6.53 3.86 -15.56
C PHE A 182 -7.04 4.30 -14.19
N TYR A 183 -8.26 3.84 -13.88
CA TYR A 183 -8.89 4.00 -12.58
C TYR A 183 -9.27 2.61 -12.14
N LEU A 184 -9.31 2.37 -10.82
CA LEU A 184 -9.87 1.15 -10.26
C LEU A 184 -11.16 1.57 -9.56
N ALA A 185 -12.21 0.73 -9.60
CA ALA A 185 -13.44 1.09 -8.92
C ALA A 185 -14.05 -0.02 -8.10
N PHE A 186 -14.64 0.35 -6.97
CA PHE A 186 -15.30 -0.59 -6.06
C PHE A 186 -16.75 -0.19 -5.96
N GLN A 187 -17.58 -0.94 -6.69
CA GLN A 187 -19.02 -0.74 -6.68
C GLN A 187 -19.67 -1.71 -5.68
N ASP A 188 -20.43 -1.13 -4.72
CA ASP A 188 -21.16 -1.79 -3.63
C ASP A 188 -22.64 -1.83 -3.95
N ILE A 189 -23.25 -3.00 -3.75
CA ILE A 189 -24.67 -3.25 -4.02
C ILE A 189 -25.58 -3.41 -2.76
N GLY A 190 -25.09 -2.96 -1.61
CA GLY A 190 -25.82 -3.01 -0.35
C GLY A 190 -25.23 -3.89 0.75
N ALA A 191 -23.90 -4.06 0.76
CA ALA A 191 -23.15 -4.87 1.72
C ALA A 191 -22.50 -4.03 2.86
N CYS A 192 -21.82 -4.72 3.80
CA CYS A 192 -21.10 -4.12 4.93
C CYS A 192 -19.61 -4.50 4.76
N VAL A 193 -18.87 -3.63 4.04
CA VAL A 193 -17.44 -3.75 3.64
C VAL A 193 -16.58 -2.64 4.26
N ALA A 194 -15.32 -2.98 4.65
CA ALA A 194 -14.27 -2.08 5.15
C ALA A 194 -12.95 -2.43 4.39
N LEU A 195 -12.56 -1.57 3.40
CA LEU A 195 -11.39 -1.70 2.51
C LEU A 195 -10.16 -0.95 3.10
N LEU A 196 -9.22 -1.71 3.71
CA LEU A 196 -8.03 -1.20 4.41
C LEU A 196 -6.79 -0.93 3.55
N SER A 197 -6.71 -1.62 2.39
CA SER A 197 -5.60 -1.53 1.47
C SER A 197 -6.04 -1.83 0.04
N VAL A 198 -5.42 -1.08 -0.90
CA VAL A 198 -5.50 -1.16 -2.36
C VAL A 198 -4.10 -0.81 -2.82
N ARG A 199 -3.37 -1.80 -3.35
CA ARG A 199 -2.00 -1.65 -3.80
C ARG A 199 -1.90 -2.19 -5.18
N VAL A 200 -1.64 -1.30 -6.16
CA VAL A 200 -1.50 -1.63 -7.58
C VAL A 200 -0.02 -1.55 -7.91
N TYR A 201 0.48 -2.59 -8.60
CA TYR A 201 1.88 -2.68 -8.97
C TYR A 201 2.06 -3.48 -10.27
N TYR A 202 3.19 -3.32 -10.97
CA TYR A 202 3.52 -4.13 -12.15
C TYR A 202 4.89 -4.74 -11.91
N LYS A 203 5.23 -5.85 -12.56
CA LYS A 203 6.52 -6.52 -12.34
C LYS A 203 7.57 -6.22 -13.42
N LYS A 204 8.86 -6.30 -13.04
CA LYS A 204 9.98 -6.08 -13.97
C LYS A 204 11.08 -7.04 -13.66
N CYS A 205 11.82 -7.48 -14.68
CA CYS A 205 12.98 -8.31 -14.45
C CYS A 205 14.14 -7.33 -14.22
N PRO A 206 14.83 -7.42 -13.07
CA PRO A 206 15.87 -6.43 -12.74
C PRO A 206 17.15 -6.42 -13.60
N GLU A 207 17.83 -5.26 -13.62
CA GLU A 207 19.09 -5.12 -14.30
C GLU A 207 19.99 -6.21 -13.72
N LEU A 208 20.44 -7.15 -14.57
CA LEU A 208 21.25 -8.29 -14.17
C LEU A 208 22.67 -8.27 -14.76
N LEU A 209 23.61 -8.79 -13.96
CA LEU A 209 24.98 -9.09 -14.32
C LEU A 209 25.08 -10.60 -14.10
N GLN A 210 25.19 -11.37 -15.20
CA GLN A 210 25.28 -12.83 -15.16
C GLN A 210 26.08 -13.36 -16.37
N GLY A 211 26.97 -14.31 -16.10
CA GLY A 211 27.86 -14.90 -17.10
C GLY A 211 28.72 -13.84 -17.78
N LEU A 212 29.26 -12.89 -16.97
CA LEU A 212 30.05 -11.77 -17.43
C LEU A 212 29.36 -10.93 -18.53
N ALA A 213 28.02 -10.85 -18.46
CA ALA A 213 27.17 -10.10 -19.39
C ALA A 213 26.19 -9.23 -18.62
N HIS A 214 25.78 -8.10 -19.24
CA HIS A 214 24.81 -7.15 -18.69
C HIS A 214 23.51 -7.30 -19.44
N PHE A 215 22.41 -7.47 -18.67
CA PHE A 215 21.04 -7.61 -19.17
C PHE A 215 20.23 -6.44 -18.56
N PRO A 216 19.61 -5.58 -19.39
CA PRO A 216 18.92 -4.42 -18.84
C PRO A 216 17.63 -4.77 -18.13
N GLU A 217 17.09 -3.84 -17.32
CA GLU A 217 15.80 -4.01 -16.66
C GLU A 217 14.76 -4.13 -17.78
N THR A 218 13.93 -5.19 -17.74
CA THR A 218 12.92 -5.48 -18.76
C THR A 218 11.58 -5.59 -18.10
N ILE A 219 10.57 -4.93 -18.70
CA ILE A 219 9.18 -4.95 -18.25
C ILE A 219 8.67 -6.31 -18.48
N ALA A 220 8.04 -6.90 -17.48
CA ALA A 220 7.45 -8.21 -17.62
C ALA A 220 6.20 -8.08 -18.53
N GLY A 221 5.96 -9.11 -19.34
CA GLY A 221 4.84 -9.15 -20.26
C GLY A 221 3.52 -9.33 -19.55
N SER A 222 2.46 -9.33 -20.34
CA SER A 222 1.11 -9.45 -19.86
C SER A 222 0.63 -10.90 -19.92
N ASP A 223 1.01 -11.63 -20.96
CA ASP A 223 0.56 -13.00 -21.12
C ASP A 223 1.34 -14.02 -20.30
N ALA A 224 0.62 -14.73 -19.40
CA ALA A 224 1.13 -15.74 -18.47
C ALA A 224 2.21 -16.70 -18.97
N PRO A 225 2.13 -17.37 -20.15
CA PRO A 225 3.25 -18.24 -20.55
C PRO A 225 4.48 -17.48 -21.06
N SER A 226 4.25 -16.37 -21.83
CA SER A 226 5.28 -15.50 -22.43
C SER A 226 6.63 -15.31 -21.67
N LEU A 227 7.73 -15.28 -22.45
CA LEU A 227 9.10 -15.11 -22.02
C LEU A 227 9.83 -14.24 -23.03
N ALA A 228 10.11 -13.00 -22.68
CA ALA A 228 10.83 -12.09 -23.56
C ALA A 228 12.33 -12.41 -23.55
N THR A 229 12.89 -12.72 -24.73
CA THR A 229 14.31 -13.04 -24.91
C THR A 229 15.09 -11.75 -24.88
N VAL A 230 15.98 -11.63 -23.89
CA VAL A 230 16.76 -10.41 -23.68
C VAL A 230 18.21 -10.72 -24.00
N ALA A 231 18.76 -9.96 -24.95
CA ALA A 231 20.15 -10.05 -25.37
C ALA A 231 21.03 -9.40 -24.31
N GLY A 232 22.18 -10.01 -24.09
CA GLY A 232 23.19 -9.52 -23.17
C GLY A 232 24.32 -8.82 -23.88
N THR A 233 25.00 -7.95 -23.15
CA THR A 233 26.14 -7.17 -23.60
C THR A 233 27.25 -7.54 -22.64
N CYS A 234 28.39 -8.04 -23.16
CA CYS A 234 29.51 -8.48 -22.34
C CYS A 234 30.05 -7.37 -21.47
N VAL A 235 30.46 -7.72 -20.24
CA VAL A 235 31.05 -6.75 -19.30
C VAL A 235 32.37 -6.21 -19.85
N ASP A 236 32.91 -5.17 -19.19
CA ASP A 236 34.17 -4.55 -19.53
C ASP A 236 35.26 -5.65 -19.59
N HIS A 237 35.97 -5.72 -20.74
CA HIS A 237 37.06 -6.64 -21.08
C HIS A 237 36.72 -8.14 -21.17
N ALA A 238 35.46 -8.43 -21.54
CA ALA A 238 34.93 -9.78 -21.76
C ALA A 238 34.42 -9.87 -23.20
N VAL A 239 34.50 -11.07 -23.77
CA VAL A 239 34.12 -11.32 -25.15
C VAL A 239 33.32 -12.62 -25.31
N VAL A 240 32.46 -12.68 -26.34
CA VAL A 240 31.73 -13.91 -26.65
C VAL A 240 32.66 -14.76 -27.55
N PRO A 241 33.09 -15.96 -27.07
CA PRO A 241 34.01 -16.79 -27.86
C PRO A 241 33.46 -17.18 -29.23
N PRO A 242 34.33 -17.38 -30.26
CA PRO A 242 33.84 -17.81 -31.58
C PRO A 242 33.22 -19.21 -31.49
N GLY A 243 32.01 -19.35 -32.03
CA GLY A 243 31.25 -20.60 -31.98
C GLY A 243 30.27 -20.60 -30.81
N GLY A 244 30.74 -20.09 -29.66
CA GLY A 244 29.98 -19.99 -28.43
C GLY A 244 28.72 -19.16 -28.56
N GLU A 245 27.64 -19.62 -27.89
CA GLU A 245 26.32 -18.99 -27.88
C GLU A 245 26.38 -17.60 -27.28
N GLU A 246 25.68 -16.64 -27.90
CA GLU A 246 25.64 -15.25 -27.45
C GLU A 246 24.82 -15.15 -26.15
N PRO A 247 25.28 -14.39 -25.12
CA PRO A 247 24.54 -14.32 -23.86
C PRO A 247 23.12 -13.79 -24.00
N ARG A 248 22.15 -14.57 -23.49
CA ARG A 248 20.74 -14.26 -23.57
C ARG A 248 20.02 -14.72 -22.32
N MET A 249 18.98 -13.97 -21.92
CA MET A 249 18.09 -14.25 -20.78
C MET A 249 16.64 -14.16 -21.21
N HIS A 250 15.75 -14.81 -20.43
CA HIS A 250 14.32 -14.82 -20.68
C HIS A 250 13.58 -14.22 -19.50
N CYS A 251 12.80 -13.16 -19.77
CA CYS A 251 12.05 -12.48 -18.72
C CYS A 251 10.60 -13.00 -18.63
N ALA A 252 10.24 -13.51 -17.42
CA ALA A 252 8.95 -14.11 -17.04
C ALA A 252 7.94 -13.09 -16.45
N VAL A 253 6.60 -13.39 -16.59
CA VAL A 253 5.50 -12.53 -16.11
C VAL A 253 5.57 -12.06 -14.66
N ASP A 254 6.26 -12.86 -13.82
CA ASP A 254 6.45 -12.56 -12.40
C ASP A 254 7.69 -11.68 -12.14
N GLY A 255 8.47 -11.42 -13.18
CA GLY A 255 9.69 -10.63 -13.07
C GLY A 255 10.93 -11.49 -12.87
N GLU A 256 10.86 -12.80 -13.14
CA GLU A 256 12.01 -13.68 -12.96
C GLU A 256 12.79 -13.83 -14.25
N TRP A 257 14.11 -13.92 -14.11
CA TRP A 257 15.00 -14.14 -15.22
C TRP A 257 15.15 -15.65 -15.30
N LEU A 258 14.72 -16.22 -16.42
CA LEU A 258 14.74 -17.66 -16.57
C LEU A 258 15.56 -18.11 -17.76
N VAL A 259 16.05 -19.36 -17.66
CA VAL A 259 16.83 -20.08 -18.66
C VAL A 259 17.99 -19.28 -19.26
N PRO A 260 19.18 -19.28 -18.60
CA PRO A 260 20.35 -18.59 -19.18
C PRO A 260 20.91 -19.32 -20.40
N ILE A 261 21.17 -18.60 -21.51
CA ILE A 261 21.76 -19.18 -22.72
C ILE A 261 22.98 -18.36 -23.04
N GLY A 262 24.08 -19.04 -23.34
CA GLY A 262 25.36 -18.42 -23.64
C GLY A 262 25.99 -17.77 -22.43
N GLN A 263 27.11 -17.07 -22.65
CA GLN A 263 27.87 -16.33 -21.64
C GLN A 263 29.03 -15.59 -22.29
N CYS A 264 29.70 -14.76 -21.50
CA CYS A 264 30.90 -14.04 -21.91
C CYS A 264 32.03 -14.57 -21.08
N LEU A 265 33.24 -14.54 -21.65
CA LEU A 265 34.48 -14.97 -21.02
C LEU A 265 35.49 -13.86 -21.14
N CYS A 266 36.42 -13.76 -20.19
CA CYS A 266 37.47 -12.73 -20.19
C CYS A 266 38.39 -12.91 -21.39
N GLN A 267 38.57 -11.82 -22.17
CA GLN A 267 39.43 -11.80 -23.37
C GLN A 267 40.87 -12.11 -23.04
N ALA A 268 41.69 -12.34 -24.08
CA ALA A 268 43.12 -12.62 -23.96
C ALA A 268 43.81 -11.59 -23.06
N GLY A 269 44.49 -12.10 -22.04
CA GLY A 269 45.23 -11.31 -21.06
C GLY A 269 44.44 -10.88 -19.83
N TYR A 270 43.18 -11.32 -19.71
CA TYR A 270 42.29 -10.96 -18.60
C TYR A 270 41.72 -12.17 -17.85
N GLU A 271 41.42 -12.01 -16.55
CA GLU A 271 40.82 -13.03 -15.69
C GLU A 271 39.73 -12.40 -14.82
N ASP A 275 32.89 -9.90 -9.51
CA ASP A 275 32.97 -10.63 -10.78
C ASP A 275 33.10 -9.66 -11.94
N ALA A 276 34.35 -9.52 -12.43
CA ALA A 276 34.73 -8.66 -13.55
C ALA A 276 35.96 -9.23 -14.22
N CYS A 277 36.36 -8.62 -15.37
CA CYS A 277 37.55 -9.04 -16.09
C CYS A 277 38.67 -8.06 -15.79
N GLN A 278 39.74 -8.57 -15.16
CA GLN A 278 40.91 -7.81 -14.76
C GLN A 278 42.14 -8.44 -15.38
N ALA A 279 43.10 -7.62 -15.80
CA ALA A 279 44.36 -8.07 -16.40
C ALA A 279 45.10 -9.00 -15.46
N CYS A 280 45.91 -9.93 -16.03
CA CYS A 280 46.72 -10.88 -15.27
C CYS A 280 47.80 -10.12 -14.53
N SER A 281 48.20 -10.62 -13.35
CA SER A 281 49.28 -10.05 -12.54
C SER A 281 50.62 -10.30 -13.27
N PRO A 282 51.67 -9.42 -13.16
CA PRO A 282 52.93 -9.68 -13.87
C PRO A 282 53.54 -11.07 -13.58
N GLY A 283 54.05 -11.70 -14.64
CA GLY A 283 54.60 -13.05 -14.57
C GLY A 283 53.53 -14.12 -14.72
N PHE A 284 52.28 -13.69 -14.98
CA PHE A 284 51.11 -14.53 -15.24
C PHE A 284 50.56 -14.12 -16.59
N PHE A 285 49.95 -15.06 -17.32
CA PHE A 285 49.40 -14.76 -18.64
C PHE A 285 48.10 -15.54 -18.95
N LYS A 286 47.40 -15.11 -20.02
CA LYS A 286 46.20 -15.75 -20.55
C LYS A 286 46.20 -15.55 -22.08
N PHE A 287 46.44 -16.66 -22.80
CA PHE A 287 46.55 -16.73 -24.25
C PHE A 287 45.23 -16.52 -25.00
N GLU A 288 44.20 -17.27 -24.62
CA GLU A 288 42.87 -17.22 -25.23
C GLU A 288 41.77 -16.94 -24.21
N ALA A 289 40.58 -16.54 -24.70
CA ALA A 289 39.40 -16.30 -23.87
C ALA A 289 38.83 -17.64 -23.41
N SER A 290 38.76 -17.87 -22.08
CA SER A 290 38.27 -19.12 -21.46
C SER A 290 37.89 -18.95 -19.99
N GLU A 291 37.26 -19.97 -19.39
CA GLU A 291 36.87 -20.01 -17.98
C GLU A 291 38.10 -20.02 -17.07
N SER A 292 39.17 -20.71 -17.51
CA SER A 292 40.46 -20.87 -16.83
C SER A 292 41.07 -19.53 -16.40
N PRO A 293 41.76 -19.46 -15.23
CA PRO A 293 42.39 -18.19 -14.83
C PRO A 293 43.78 -17.97 -15.46
N CYS A 294 44.48 -16.89 -15.08
CA CYS A 294 45.82 -16.59 -15.58
C CYS A 294 46.84 -17.51 -14.94
N LEU A 295 47.56 -18.28 -15.76
CA LEU A 295 48.58 -19.23 -15.32
C LEU A 295 49.95 -18.55 -15.21
N GLU A 296 50.83 -19.07 -14.30
CA GLU A 296 52.19 -18.57 -14.04
C GLU A 296 53.07 -18.63 -15.30
N CYS A 297 54.25 -17.95 -15.29
CA CYS A 297 55.11 -17.92 -16.46
C CYS A 297 56.45 -18.66 -16.47
N PRO A 298 56.47 -20.01 -16.53
CA PRO A 298 57.77 -20.70 -16.69
C PRO A 298 58.15 -20.69 -18.18
N GLU A 299 59.41 -20.35 -18.54
CA GLU A 299 60.52 -20.02 -17.64
C GLU A 299 61.11 -18.64 -17.98
N HIS A 300 60.49 -17.89 -18.93
CA HIS A 300 61.01 -16.61 -19.42
C HIS A 300 59.99 -15.48 -19.39
N GLY A 307 50.39 -6.56 -18.37
CA GLY A 307 49.97 -7.42 -19.47
C GLY A 307 48.92 -8.46 -19.08
N ALA A 308 48.88 -9.66 -19.73
CA ALA A 308 49.74 -10.17 -20.82
C ALA A 308 49.08 -11.34 -21.55
N THR A 309 49.30 -11.45 -22.88
CA THR A 309 48.77 -12.54 -23.72
C THR A 309 49.71 -13.78 -23.68
N SER A 310 51.03 -13.55 -23.48
CA SER A 310 52.07 -14.58 -23.40
C SER A 310 53.35 -14.00 -22.83
N CYS A 311 54.35 -14.87 -22.57
CA CYS A 311 55.66 -14.46 -22.05
C CYS A 311 56.79 -14.67 -23.08
N GLU A 312 57.47 -13.58 -23.47
CA GLU A 312 58.57 -13.56 -24.44
C GLU A 312 59.84 -14.28 -23.95
N CYS A 313 60.65 -14.75 -24.92
CA CYS A 313 61.93 -15.44 -24.68
C CYS A 313 63.12 -14.64 -25.29
N GLU A 314 62.88 -13.34 -25.63
CA GLU A 314 63.86 -12.43 -26.23
C GLU A 314 65.02 -12.10 -25.28
N ARG A 319 63.70 -20.72 -26.87
CA ARG A 319 63.05 -20.97 -28.15
C ARG A 319 61.92 -22.00 -28.05
N ALA A 320 60.87 -21.85 -28.91
CA ALA A 320 59.70 -22.74 -28.99
C ALA A 320 59.04 -22.73 -30.39
N PRO A 321 58.68 -23.90 -30.97
CA PRO A 321 58.05 -23.90 -32.30
C PRO A 321 56.53 -23.80 -32.32
N GLN A 322 55.84 -24.21 -31.24
CA GLN A 322 54.38 -24.18 -31.16
C GLN A 322 53.89 -24.00 -29.72
N ALA A 325 52.17 -19.92 -28.18
CA ALA A 325 52.89 -19.08 -27.24
C ALA A 325 52.45 -19.28 -25.76
N SER A 326 51.86 -20.46 -25.47
CA SER A 326 51.39 -20.87 -24.13
C SER A 326 52.19 -22.07 -23.60
N MET A 327 53.09 -22.62 -24.43
CA MET A 327 53.96 -23.76 -24.15
C MET A 327 55.29 -23.36 -23.48
N PRO A 328 55.95 -24.24 -22.68
CA PRO A 328 57.21 -23.85 -22.00
C PRO A 328 58.37 -23.53 -22.95
N CYS A 329 58.49 -22.24 -23.30
CA CYS A 329 59.51 -21.70 -24.19
C CYS A 329 60.82 -21.52 -23.42
N ASP B 29 -25.05 15.39 9.05
CA ASP B 29 -24.33 16.64 9.31
C ASP B 29 -23.19 16.43 10.30
N ARG B 30 -22.34 17.47 10.50
CA ARG B 30 -21.19 17.36 11.37
C ARG B 30 -21.02 18.41 12.45
N HIS B 31 -20.49 17.96 13.61
CA HIS B 31 -20.25 18.72 14.84
C HIS B 31 -18.75 18.94 15.03
N THR B 32 -18.31 20.20 14.92
CA THR B 32 -16.91 20.58 15.09
C THR B 32 -16.56 20.74 16.60
N VAL B 33 -15.43 20.11 17.01
CA VAL B 33 -14.92 20.11 18.39
C VAL B 33 -13.42 20.43 18.36
N PHE B 34 -13.05 21.66 18.74
CA PHE B 34 -11.63 22.06 18.77
C PHE B 34 -11.07 21.66 20.12
N TRP B 35 -10.39 20.51 20.15
CA TRP B 35 -9.81 19.96 21.37
C TRP B 35 -8.52 20.66 21.78
N ASN B 36 -8.66 21.66 22.63
CA ASN B 36 -7.56 22.44 23.18
C ASN B 36 -7.98 23.15 24.47
N SER B 37 -7.00 23.42 25.36
CA SER B 37 -7.19 24.08 26.65
C SER B 37 -7.78 25.47 26.51
N SER B 38 -7.53 26.13 25.36
CA SER B 38 -8.04 27.47 25.06
C SER B 38 -9.53 27.47 24.74
N ASN B 39 -10.13 26.29 24.55
CA ASN B 39 -11.57 26.17 24.31
C ASN B 39 -12.27 26.34 25.67
N PRO B 40 -13.12 27.38 25.81
CA PRO B 40 -13.80 27.59 27.12
C PRO B 40 -14.85 26.54 27.48
N LYS B 41 -15.32 25.75 26.48
CA LYS B 41 -16.33 24.70 26.62
C LYS B 41 -15.87 23.53 27.50
N PHE B 42 -14.55 23.36 27.63
CA PHE B 42 -13.88 22.33 28.44
C PHE B 42 -13.65 22.74 29.89
N ARG B 43 -13.68 24.07 30.19
CA ARG B 43 -13.36 24.62 31.51
C ARG B 43 -14.23 24.22 32.71
N ASN B 44 -15.49 23.80 32.49
CA ASN B 44 -16.37 23.37 33.60
C ASN B 44 -16.37 21.83 33.79
N GLU B 45 -15.47 21.15 33.03
CA GLU B 45 -15.25 19.69 32.98
C GLU B 45 -16.53 18.91 32.59
N ASP B 46 -17.49 19.58 31.94
CA ASP B 46 -18.76 18.99 31.53
C ASP B 46 -19.18 19.37 30.09
N TYR B 47 -18.24 19.23 29.12
CA TYR B 47 -18.48 19.51 27.72
C TYR B 47 -19.32 18.36 27.17
N THR B 48 -20.56 18.67 26.72
CA THR B 48 -21.50 17.66 26.20
C THR B 48 -22.10 18.06 24.85
N ILE B 49 -22.02 17.13 23.89
CA ILE B 49 -22.56 17.32 22.54
C ILE B 49 -23.64 16.29 22.28
N HIS B 50 -24.73 16.73 21.65
CA HIS B 50 -25.89 15.91 21.35
C HIS B 50 -25.95 15.64 19.86
N VAL B 51 -25.96 14.35 19.50
CA VAL B 51 -25.97 13.93 18.11
C VAL B 51 -27.16 13.03 17.77
N GLN B 52 -27.42 12.91 16.46
CA GLN B 52 -28.44 12.05 15.83
C GLN B 52 -27.66 11.01 15.01
N LEU B 53 -28.27 9.85 14.71
CA LEU B 53 -27.63 8.77 13.95
C LEU B 53 -27.12 9.21 12.56
N ASN B 54 -26.00 8.58 12.11
CA ASN B 54 -25.28 8.79 10.83
C ASN B 54 -24.58 10.15 10.71
N ASP B 55 -24.38 10.83 11.84
CA ASP B 55 -23.72 12.13 11.87
C ASP B 55 -22.25 12.02 12.25
N TYR B 56 -21.43 13.00 11.83
CA TYR B 56 -19.99 13.00 12.10
C TYR B 56 -19.61 13.96 13.24
N VAL B 57 -18.61 13.56 14.02
CA VAL B 57 -18.06 14.40 15.08
C VAL B 57 -16.63 14.66 14.62
N ASP B 58 -16.33 15.94 14.37
CA ASP B 58 -15.00 16.35 13.91
C ASP B 58 -14.25 16.92 15.07
N ILE B 59 -13.31 16.14 15.62
CA ILE B 59 -12.47 16.58 16.72
C ILE B 59 -11.21 17.17 16.11
N ILE B 60 -11.08 18.49 16.21
CA ILE B 60 -9.95 19.21 15.63
C ILE B 60 -8.81 19.35 16.61
N CYS B 61 -7.69 18.71 16.31
CA CYS B 61 -6.52 18.76 17.17
C CYS B 61 -5.97 20.18 17.27
N PRO B 62 -5.13 20.53 18.28
CA PRO B 62 -4.49 21.85 18.25
C PRO B 62 -3.60 21.98 16.99
N HIS B 63 -3.57 23.19 16.41
CA HIS B 63 -2.78 23.47 15.22
C HIS B 63 -2.12 24.82 15.29
N TYR B 64 -0.85 24.90 14.88
CA TYR B 64 -0.02 26.09 14.96
C TYR B 64 0.71 26.45 13.65
N GLU B 65 1.24 27.73 13.58
CA GLU B 65 2.05 28.33 12.50
C GLU B 65 2.68 29.66 12.97
N VAL B 69 5.01 30.27 17.27
CA VAL B 69 4.86 29.62 18.58
C VAL B 69 5.97 28.62 18.92
N ALA B 70 6.29 28.49 20.22
CA ALA B 70 7.32 27.58 20.74
C ALA B 70 6.92 26.12 20.58
N ASP B 71 7.80 25.32 19.93
CA ASP B 71 7.64 23.89 19.62
C ASP B 71 7.32 23.02 20.82
N ALA B 72 7.65 23.50 22.04
CA ALA B 72 7.40 22.81 23.30
C ALA B 72 6.01 23.15 23.84
N ALA B 73 5.56 24.41 23.64
CA ALA B 73 4.27 24.93 24.09
C ALA B 73 3.08 24.40 23.26
N MET B 74 3.37 23.74 22.13
CA MET B 74 2.36 23.19 21.22
C MET B 74 1.67 21.97 21.86
N GLU B 75 0.35 22.10 22.18
CA GLU B 75 -0.48 21.08 22.82
C GLU B 75 -0.64 19.89 21.89
N GLN B 76 -0.48 18.71 22.46
CA GLN B 76 -0.57 17.42 21.78
C GLN B 76 -1.26 16.48 22.74
N TYR B 77 -2.26 15.77 22.27
CA TYR B 77 -3.01 14.88 23.13
C TYR B 77 -3.22 13.50 22.53
N ILE B 78 -3.59 12.54 23.40
CA ILE B 78 -3.96 11.18 23.00
C ILE B 78 -5.46 11.14 23.24
N LEU B 79 -6.24 10.98 22.16
CA LEU B 79 -7.70 10.89 22.33
C LEU B 79 -8.04 9.44 22.63
N TYR B 80 -8.92 9.23 23.61
CA TYR B 80 -9.36 7.90 24.04
C TYR B 80 -10.86 7.83 23.96
N LEU B 81 -11.43 6.81 23.27
CA LEU B 81 -12.87 6.59 23.33
C LEU B 81 -13.06 5.59 24.51
N VAL B 82 -13.72 6.04 25.59
CA VAL B 82 -13.86 5.28 26.82
C VAL B 82 -15.31 5.14 27.38
N GLU B 83 -15.38 4.48 28.57
CA GLU B 83 -16.56 4.23 29.40
C GLU B 83 -16.67 5.31 30.50
N HIS B 84 -17.88 5.47 31.08
CA HIS B 84 -18.22 6.46 32.11
C HIS B 84 -17.27 6.46 33.30
N GLU B 85 -16.76 5.26 33.70
CA GLU B 85 -15.81 5.13 34.81
C GLU B 85 -14.49 5.84 34.48
N GLU B 86 -13.98 5.63 33.23
CA GLU B 86 -12.75 6.25 32.74
C GLU B 86 -12.94 7.76 32.55
N TYR B 87 -14.19 8.18 32.21
CA TYR B 87 -14.62 9.57 32.01
C TYR B 87 -14.61 10.32 33.34
N GLN B 88 -15.29 9.77 34.37
CA GLN B 88 -15.43 10.35 35.70
C GLN B 88 -14.07 10.53 36.35
N LEU B 89 -13.28 9.47 36.37
CA LEU B 89 -11.92 9.46 36.93
C LEU B 89 -10.93 10.19 36.02
N CYS B 90 -11.31 10.42 34.72
CA CYS B 90 -10.52 11.08 33.67
C CYS B 90 -9.21 10.33 33.39
N GLN B 91 -9.20 9.01 33.65
CA GLN B 91 -8.03 8.16 33.52
C GLN B 91 -8.37 6.90 32.71
N PRO B 92 -7.55 6.54 31.69
CA PRO B 92 -7.87 5.32 30.91
C PRO B 92 -7.45 4.03 31.61
N GLN B 93 -8.13 2.91 31.29
CA GLN B 93 -7.82 1.61 31.88
C GLN B 93 -6.81 0.78 31.07
N SER B 94 -6.77 0.98 29.72
CA SER B 94 -5.87 0.25 28.81
C SER B 94 -5.62 0.99 27.50
N LYS B 95 -4.52 0.64 26.80
CA LYS B 95 -4.13 1.20 25.50
C LYS B 95 -5.21 0.88 24.45
N ASP B 96 -5.98 -0.20 24.66
CA ASP B 96 -7.06 -0.64 23.77
C ASP B 96 -8.27 0.35 23.76
N GLN B 97 -8.04 1.58 24.24
CA GLN B 97 -9.05 2.65 24.31
C GLN B 97 -8.64 3.88 23.48
N VAL B 98 -7.32 3.99 23.20
CA VAL B 98 -6.67 5.02 22.37
C VAL B 98 -7.47 5.10 21.04
N ARG B 99 -7.99 6.29 20.72
CA ARG B 99 -8.80 6.54 19.54
C ARG B 99 -7.96 7.11 18.40
N TRP B 100 -7.27 8.22 18.67
CA TRP B 100 -6.42 8.93 17.73
C TRP B 100 -5.39 9.72 18.47
N GLN B 101 -4.34 10.10 17.75
CA GLN B 101 -3.25 10.87 18.31
C GLN B 101 -3.22 12.27 17.71
N CYS B 102 -3.13 13.29 18.58
CA CYS B 102 -2.96 14.67 18.13
C CYS B 102 -1.47 14.93 18.26
N ASN B 103 -0.66 14.22 17.44
CA ASN B 103 0.80 14.33 17.46
C ASN B 103 1.42 15.21 16.35
N ARG B 104 0.57 15.88 15.54
CA ARG B 104 1.04 16.75 14.46
C ARG B 104 0.51 18.20 14.64
N PRO B 105 1.05 18.98 15.61
CA PRO B 105 0.51 20.33 15.84
C PRO B 105 0.87 21.37 14.80
N SER B 106 2.04 21.26 14.15
CA SER B 106 2.45 22.23 13.14
C SER B 106 2.37 21.64 11.72
N ALA B 107 1.39 20.75 11.49
CA ALA B 107 1.12 20.02 10.25
C ALA B 107 0.89 20.95 9.07
N LYS B 108 1.67 20.72 8.00
CA LYS B 108 1.67 21.52 6.76
C LYS B 108 0.27 21.67 6.16
N HIS B 109 -0.36 20.54 5.82
CA HIS B 109 -1.70 20.42 5.22
C HIS B 109 -2.82 21.22 5.94
N GLY B 110 -2.84 21.16 7.26
CA GLY B 110 -3.83 21.84 8.09
C GLY B 110 -3.97 21.16 9.43
N PRO B 111 -5.00 21.44 10.25
CA PRO B 111 -5.10 20.78 11.55
C PRO B 111 -5.41 19.30 11.38
N GLU B 112 -4.81 18.48 12.24
CA GLU B 112 -5.04 17.04 12.27
C GLU B 112 -6.44 16.85 12.90
N LYS B 113 -7.28 16.05 12.28
CA LYS B 113 -8.62 15.82 12.84
C LYS B 113 -8.95 14.33 13.01
N LEU B 114 -10.01 14.02 13.79
CA LEU B 114 -10.52 12.66 13.99
C LEU B 114 -12.02 12.72 13.65
N SER B 115 -12.41 12.15 12.49
CA SER B 115 -13.80 12.19 12.03
C SER B 115 -14.54 10.90 12.30
N GLU B 116 -15.32 10.91 13.39
CA GLU B 116 -16.10 9.78 13.87
C GLU B 116 -17.52 9.80 13.32
N LYS B 117 -17.88 8.83 12.44
CA LYS B 117 -19.25 8.72 11.96
C LYS B 117 -20.02 7.99 13.03
N PHE B 118 -21.11 8.60 13.52
CA PHE B 118 -21.97 8.01 14.54
C PHE B 118 -23.02 7.10 13.89
N GLN B 119 -22.49 6.04 13.25
CA GLN B 119 -23.14 4.97 12.48
C GLN B 119 -23.58 3.83 13.39
N ARG B 120 -24.75 3.26 13.07
CA ARG B 120 -25.32 2.16 13.84
C ARG B 120 -24.53 0.88 13.59
N PHE B 121 -24.05 0.68 12.35
CA PHE B 121 -23.28 -0.51 12.01
C PHE B 121 -21.91 -0.24 11.38
N THR B 122 -20.92 -1.09 11.74
CA THR B 122 -19.54 -1.04 11.24
C THR B 122 -19.10 -2.38 10.64
N PRO B 123 -18.36 -2.39 9.49
CA PRO B 123 -17.85 -3.67 8.95
C PRO B 123 -16.52 -4.07 9.62
N PHE B 124 -15.94 -3.14 10.43
CA PHE B 124 -14.66 -3.25 11.13
C PHE B 124 -14.87 -3.47 12.64
N THR B 125 -14.37 -4.61 13.15
CA THR B 125 -14.52 -5.01 14.56
C THR B 125 -13.82 -4.16 15.61
N LEU B 126 -12.62 -3.62 15.31
CA LEU B 126 -11.86 -2.79 16.24
C LEU B 126 -12.49 -1.39 16.43
N GLY B 127 -13.40 -1.03 15.51
CA GLY B 127 -14.16 0.21 15.53
C GLY B 127 -15.38 0.07 16.42
N LYS B 128 -16.13 1.17 16.63
CA LYS B 128 -17.29 1.14 17.51
C LYS B 128 -18.62 1.41 16.85
N GLU B 129 -19.67 0.71 17.33
CA GLU B 129 -21.06 0.88 16.86
C GLU B 129 -21.79 1.79 17.85
N PHE B 130 -22.49 2.80 17.32
CA PHE B 130 -23.18 3.74 18.18
C PHE B 130 -24.68 3.53 18.14
N LYS B 131 -25.20 2.99 19.27
CA LYS B 131 -26.61 2.71 19.49
C LYS B 131 -27.35 4.01 19.82
N GLU B 132 -28.67 4.04 19.57
CA GLU B 132 -29.55 5.17 19.88
C GLU B 132 -29.78 5.23 21.38
N GLY B 133 -29.88 6.45 21.90
CA GLY B 133 -30.14 6.71 23.30
C GLY B 133 -28.99 6.41 24.25
N HIS B 134 -27.76 6.35 23.71
CA HIS B 134 -26.58 6.07 24.52
C HIS B 134 -25.60 7.23 24.59
N SER B 135 -24.73 7.19 25.60
CA SER B 135 -23.69 8.19 25.79
C SER B 135 -22.34 7.55 25.59
N TYR B 136 -21.47 8.31 24.92
CA TYR B 136 -20.10 7.93 24.61
C TYR B 136 -19.16 9.05 25.13
N TYR B 137 -17.97 8.65 25.59
CA TYR B 137 -17.05 9.55 26.26
C TYR B 137 -15.67 9.51 25.65
N TYR B 138 -15.07 10.71 25.48
CA TYR B 138 -13.74 10.95 24.95
C TYR B 138 -12.91 11.62 26.04
N ILE B 139 -11.68 11.14 26.26
CA ILE B 139 -10.78 11.72 27.27
C ILE B 139 -9.40 11.98 26.68
N SER B 140 -8.71 12.97 27.23
CA SER B 140 -7.38 13.37 26.80
C SER B 140 -6.29 13.06 27.81
N LYS B 141 -5.05 13.08 27.32
CA LYS B 141 -3.81 12.94 28.06
C LYS B 141 -2.72 13.71 27.29
N PRO B 142 -2.08 14.74 27.90
CA PRO B 142 -1.01 15.47 27.17
C PRO B 142 0.17 14.57 26.81
N ILE B 143 0.64 14.65 25.57
CA ILE B 143 1.75 13.80 25.11
C ILE B 143 3.08 14.14 25.81
N HIS B 144 3.46 15.43 25.82
CA HIS B 144 4.70 15.93 26.43
C HIS B 144 4.46 16.92 27.58
N GLN B 145 3.34 17.68 27.53
CA GLN B 145 3.00 18.68 28.54
C GLN B 145 2.46 18.06 29.84
N HIS B 146 2.14 18.92 30.81
CA HIS B 146 1.60 18.59 32.12
C HIS B 146 0.08 18.70 32.08
N GLU B 147 -0.61 17.79 32.81
CA GLU B 147 -2.06 17.81 32.88
C GLU B 147 -2.51 18.80 33.96
N ASP B 148 -2.82 20.04 33.54
CA ASP B 148 -3.31 21.10 34.42
C ASP B 148 -4.75 20.77 34.80
N ARG B 149 -5.65 20.73 33.79
CA ARG B 149 -7.05 20.36 33.95
C ARG B 149 -7.38 19.07 33.18
N CYS B 150 -8.57 18.49 33.42
CA CYS B 150 -9.04 17.31 32.72
C CYS B 150 -9.80 17.75 31.48
N LEU B 151 -9.35 17.26 30.31
CA LEU B 151 -9.97 17.55 29.03
C LEU B 151 -10.76 16.33 28.63
N ARG B 152 -12.08 16.51 28.50
CA ARG B 152 -13.01 15.44 28.19
C ARG B 152 -14.28 15.94 27.51
N LEU B 153 -14.95 15.05 26.77
CA LEU B 153 -16.19 15.33 26.03
C LEU B 153 -17.14 14.14 26.14
N LYS B 154 -18.45 14.44 26.27
CA LYS B 154 -19.53 13.48 26.33
C LYS B 154 -20.36 13.65 25.06
N VAL B 155 -20.54 12.55 24.29
CA VAL B 155 -21.35 12.56 23.09
C VAL B 155 -22.59 11.71 23.35
N THR B 156 -23.80 12.33 23.23
CA THR B 156 -25.06 11.61 23.46
C THR B 156 -25.93 11.48 22.20
N VAL B 157 -26.33 10.23 21.89
CA VAL B 157 -27.09 9.86 20.71
C VAL B 157 -28.59 9.97 21.01
N SER B 158 -29.33 10.73 20.17
CA SER B 158 -30.76 10.99 20.30
C SER B 158 -31.59 9.89 19.64
C1 NAG C . -8.22 26.12 19.80
C2 NAG C . -7.74 26.36 18.35
C3 NAG C . -8.25 27.70 17.89
C4 NAG C . -9.80 27.62 18.03
C5 NAG C . -10.28 27.24 19.43
C6 NAG C . -11.76 27.05 19.55
C7 NAG C . -5.29 25.94 18.73
C8 NAG C . -4.03 25.45 18.15
N2 NAG C . -6.41 25.92 17.95
O3 NAG C . -7.77 28.02 16.56
O4 NAG C . -10.38 28.85 17.73
O5 NAG C . -9.64 26.06 19.88
O6 NAG C . -12.12 27.25 20.93
O7 NAG C . -5.30 26.34 19.88
C1 NAG C . -11.11 28.72 16.56
C2 NAG C . -12.10 29.90 16.50
C3 NAG C . -12.79 29.99 15.14
C4 NAG C . -11.72 29.81 13.97
C5 NAG C . -10.78 28.60 14.28
C6 NAG C . -9.73 28.21 13.22
C7 NAG C . -12.41 31.02 18.67
C8 NAG C . -13.32 31.22 19.87
N2 NAG C . -12.92 30.15 17.70
O3 NAG C . -13.43 31.29 15.18
O4 NAG C . -12.36 29.60 12.69
O5 NAG C . -10.15 28.88 15.53
O6 NAG C . -9.02 29.34 12.72
O7 NAG C . -11.28 31.62 18.58
C1 BMA C . -12.53 30.89 12.12
C2 BMA C . -11.59 31.11 10.90
C3 BMA C . -12.33 31.76 9.68
C4 BMA C . -13.52 32.76 10.00
C5 BMA C . -14.04 32.62 11.51
C6 BMA C . -15.45 33.19 11.83
O2 BMA C . -10.70 29.98 10.57
O3 BMA C . -12.57 30.80 8.62
O4 BMA C . -13.01 34.12 9.79
O5 BMA C . -13.92 31.27 12.03
O6 BMA C . -15.66 33.21 13.26
C1 MAN C . -11.45 30.80 7.66
C2 MAN C . -11.72 31.85 6.51
C3 MAN C . -12.78 31.29 5.55
C4 MAN C . -12.64 29.76 5.18
C5 MAN C . -12.14 28.85 6.36
C6 MAN C . -11.67 27.44 5.91
O2 MAN C . -10.52 32.40 5.83
O3 MAN C . -12.94 32.19 4.43
O4 MAN C . -13.91 29.30 4.67
O5 MAN C . -11.10 29.47 7.16
UNK UNX D . -11.39 -15.76 -2.47
#